data_7SDL
#
_entry.id   7SDL
#
_cell.length_a   105.917
_cell.length_b   105.917
_cell.length_c   93.855
_cell.angle_alpha   90.000
_cell.angle_beta   90.000
_cell.angle_gamma   120.000
#
_symmetry.space_group_name_H-M   'H 3'
#
loop_
_entity.id
_entity.type
_entity.pdbx_description
1 polymer "DNA (5'-D(*GP*AP*GP*CP*AP*GP*CP*CP*TP*GP*TP*(IMC)P*TP*GP*GP*AP*CP*AP*TP*CP*A)-3')"
2 polymer "DNA (5'-D(P*CP*CP*AP*TP*AP*CP*A)-3')"
3 polymer "DNA (5'-D(P*GP*GP*CP*TP*GP*CP*T)-3')"
4 polymer "DNA (5'-D(P*CP*TP*GP*AP*TP*GP*T)-3')"
5 non-polymer 'SILVER ION'
#
loop_
_entity_poly.entity_id
_entity_poly.type
_entity_poly.pdbx_seq_one_letter_code
_entity_poly.pdbx_strand_id
1 'polydeoxyribonucleotide'
;(DG)(DA)(DG)(DC)(DA)(DG)(DC)(DC)(DT)(DG)(DT)(IMC)(DT)(DG)(DG)(DA)(DC)(DA)(DT)
(DC)(DA)
;
A
2 'polydeoxyribonucleotide' (DC)(DC)(DA)(DT)(DA)(DC)(DA) B
3 'polydeoxyribonucleotide' (DG)(DG)(DC)(DT)(DG)(DC)(DT) C
4 'polydeoxyribonucleotide' (DC)(DT)(DG)(DA)(DT)(DG)(DT) D
#
loop_
_chem_comp.id
_chem_comp.type
_chem_comp.name
_chem_comp.formula
AG non-polymer 'SILVER ION' 'Ag 1'
DA DNA linking 2'-DEOXYADENOSINE-5'-MONOPHOSPHATE 'C10 H14 N5 O6 P'
DC DNA linking 2'-DEOXYCYTIDINE-5'-MONOPHOSPHATE 'C9 H14 N3 O7 P'
DG DNA linking 2'-DEOXYGUANOSINE-5'-MONOPHOSPHATE 'C10 H14 N5 O7 P'
DT DNA linking THYMIDINE-5'-MONOPHOSPHATE 'C10 H15 N2 O8 P'
IMC DNA linking N1-[2-DEOXY-RIBOFURANOSYL]-[2-AMINO-5-METHYL-4-OXO-4H-PYRIMIDINE]-5'-MONOPHOSPHATE 'C10 H16 N3 O7 P'
#
# COMPACT_ATOMS: atom_id res chain seq x y z
P IMC A 12 1.25 2.96 -0.49
OP1 IMC A 12 0.77 2.17 -1.66
OP2 IMC A 12 0.92 2.73 0.92
O5' IMC A 12 2.82 2.70 -0.51
C5' IMC A 12 3.33 1.49 -1.14
C4' IMC A 12 2.98 0.18 -0.38
O4' IMC A 12 1.70 0.26 0.27
C1' IMC A 12 1.08 -1.01 0.32
N1 IMC A 12 -0.45 -0.79 0.35
C6 IMC A 12 -0.99 0.24 -0.35
C4 IMC A 12 -3.13 -0.33 0.49
O4 IMC A 12 -4.35 -0.13 0.55
N3 IMC A 12 -2.62 -1.35 1.20
C2 IMC A 12 -1.28 -1.59 1.15
N2 IMC A 12 -0.76 -2.55 1.82
C5 IMC A 12 -2.30 0.50 -0.32
C5M IMC A 12 -2.83 1.50 -1.03
C2' IMC A 12 1.60 -1.80 -0.87
C3' IMC A 12 2.92 -1.09 -1.26
O3' IMC A 12 4.07 -1.91 -1.06
AG AG E . -4.71 -2.17 2.01
#